data_6T5R
#
_entry.id   6T5R
#
_cell.length_a   62.740
_cell.length_b   89.320
_cell.length_c   61.380
_cell.angle_alpha   90.000
_cell.angle_beta   96.800
_cell.angle_gamma   90.000
#
_symmetry.space_group_name_H-M   'C 1 2 1'
#
loop_
_entity.id
_entity.type
_entity.pdbx_description
1 polymer 'Genome polyprotein'
2 polymer 'Genome polyprotein'
3 non-polymer 'PHOSPHATE ION'
4 non-polymer 3-(5-thiophen-2-ylthiophen-2-yl)-1~{H}-pyrazole
5 non-polymer 'DIMETHYL SULFOXIDE'
6 water water
#
loop_
_entity_poly.entity_id
_entity_poly.type
_entity_poly.pdbx_seq_one_letter_code
_entity_poly.pdbx_strand_id
1 'polypeptide(L)'
;APPTLWSRVTKFGSGWGFWVSPTVFITTTHVIPTSAKEFFGEPLTSIAIHRAGEFTLFRFSKKIRPDLTGMILEEGCPEG
TVCSVLIKRDSGELLPLAVRMGAIASMRIQGRLVHGQSGMLLTGANAKGMDLGTIPGDCGAPYVYKRANDWVVCGVHAAA
TKSGNTVVCAVQ
;
A
2 'polypeptide(L)'
;PPTLWSRVTKFGSGWGFWVSPTVFITTTHVIPTSAKEFFGEPLTSIAIHRAGEFTLFRFSKKIRPDLTGMILEEGCPEGT
VCSVLIKRDSGELLPLAVRMGAIASMRIQGRLVHGQSGMLLTGANAKGMDLGTIPGDCGAPYVYKRANDWVVCGVHAAAT
KSGNTVVCAVQA
;
B
#
# COMPACT_ATOMS: atom_id res chain seq x y z
N ALA A 1 2.08 4.79 -8.71
CA ALA A 1 3.37 4.79 -9.44
C ALA A 1 3.06 4.49 -10.91
N PRO A 2 3.82 5.05 -11.87
CA PRO A 2 3.47 4.98 -13.29
C PRO A 2 3.49 3.54 -13.81
N PRO A 3 2.60 3.22 -14.77
CA PRO A 3 2.60 1.91 -15.41
C PRO A 3 3.96 1.40 -15.96
N THR A 4 4.82 2.31 -16.41
N THR A 4 4.81 2.27 -16.48
CA THR A 4 6.12 1.94 -17.02
CA THR A 4 6.15 1.83 -17.01
C THR A 4 7.05 1.42 -15.91
C THR A 4 6.94 1.25 -15.84
N LEU A 5 6.90 1.89 -14.66
CA LEU A 5 7.62 1.31 -13.50
C LEU A 5 7.06 -0.09 -13.19
N TRP A 6 5.74 -0.30 -13.14
CA TRP A 6 5.19 -1.63 -12.81
C TRP A 6 5.61 -2.64 -13.90
N SER A 7 5.67 -2.23 -15.17
CA SER A 7 6.06 -3.13 -16.30
C SER A 7 7.47 -3.69 -16.09
N ARG A 8 8.35 -2.98 -15.36
CA ARG A 8 9.77 -3.39 -15.14
C ARG A 8 9.92 -4.43 -14.02
N VAL A 9 8.88 -4.60 -13.19
CA VAL A 9 8.90 -5.52 -12.04
C VAL A 9 8.60 -6.93 -12.58
N THR A 10 9.52 -7.86 -12.38
CA THR A 10 9.61 -9.17 -13.08
C THR A 10 9.66 -10.29 -12.05
N LYS A 11 8.76 -11.28 -12.12
CA LYS A 11 8.85 -12.45 -11.21
C LYS A 11 10.17 -13.20 -11.50
N PHE A 12 10.91 -13.57 -10.46
CA PHE A 12 12.32 -14.04 -10.63
C PHE A 12 12.77 -14.82 -9.40
N GLY A 13 13.16 -16.08 -9.63
CA GLY A 13 13.56 -16.97 -8.53
C GLY A 13 12.49 -17.04 -7.46
N SER A 14 12.88 -16.90 -6.20
CA SER A 14 11.98 -16.87 -5.01
C SER A 14 11.40 -15.47 -4.77
N GLY A 15 11.56 -14.52 -5.67
CA GLY A 15 11.03 -13.15 -5.45
C GLY A 15 10.84 -12.41 -6.77
N TRP A 16 11.55 -11.28 -6.91
CA TRP A 16 11.41 -10.31 -8.02
C TRP A 16 12.76 -9.73 -8.44
N GLY A 17 12.72 -9.11 -9.61
CA GLY A 17 13.77 -8.20 -10.11
C GLY A 17 13.19 -7.06 -10.90
N PHE A 18 14.08 -6.16 -11.35
CA PHE A 18 13.68 -4.87 -11.96
C PHE A 18 14.57 -4.56 -13.16
N TRP A 19 13.95 -4.31 -14.31
CA TRP A 19 14.61 -3.78 -15.53
C TRP A 19 14.83 -2.26 -15.44
N VAL A 20 16.09 -1.88 -15.25
CA VAL A 20 16.56 -0.46 -15.26
C VAL A 20 16.62 0.04 -16.71
N SER A 21 16.97 -0.85 -17.64
CA SER A 21 17.08 -0.53 -19.09
C SER A 21 16.83 -1.79 -19.92
N PRO A 22 16.89 -1.75 -21.26
CA PRO A 22 16.81 -2.99 -22.07
C PRO A 22 17.86 -4.06 -21.77
N THR A 23 19.02 -3.68 -21.21
CA THR A 23 20.14 -4.63 -20.97
C THR A 23 20.47 -4.82 -19.48
N VAL A 24 19.88 -4.04 -18.56
CA VAL A 24 20.27 -4.05 -17.13
C VAL A 24 19.09 -4.48 -16.25
N PHE A 25 19.31 -5.57 -15.50
CA PHE A 25 18.35 -6.18 -14.55
C PHE A 25 18.97 -6.20 -13.14
N ILE A 26 18.27 -5.70 -12.13
CA ILE A 26 18.79 -5.70 -10.72
C ILE A 26 17.87 -6.56 -9.84
N THR A 27 18.45 -7.20 -8.82
CA THR A 27 17.71 -8.12 -7.92
C THR A 27 18.46 -8.26 -6.61
N THR A 28 17.83 -8.95 -5.67
CA THR A 28 18.40 -9.29 -4.34
C THR A 28 19.12 -10.63 -4.48
N THR A 29 20.38 -10.71 -4.05
CA THR A 29 21.29 -11.83 -4.38
C THR A 29 20.64 -13.15 -3.95
N HIS A 30 19.99 -13.19 -2.79
CA HIS A 30 19.50 -14.47 -2.19
C HIS A 30 18.27 -15.00 -2.96
N VAL A 31 17.61 -14.24 -3.84
CA VAL A 31 16.43 -14.81 -4.57
C VAL A 31 16.90 -15.61 -5.82
N ILE A 32 18.15 -15.46 -6.24
CA ILE A 32 18.68 -16.03 -7.54
C ILE A 32 18.86 -17.53 -7.33
N PRO A 33 18.30 -18.39 -8.21
CA PRO A 33 18.49 -19.83 -8.07
C PRO A 33 19.98 -20.17 -8.20
N THR A 34 20.53 -20.91 -7.23
CA THR A 34 21.99 -21.20 -7.11
C THR A 34 22.50 -22.03 -8.30
N SER A 35 21.71 -22.97 -8.82
CA SER A 35 22.13 -23.81 -9.97
C SER A 35 21.98 -23.11 -11.35
N ALA A 36 21.41 -21.90 -11.44
CA ALA A 36 20.96 -21.37 -12.76
C ALA A 36 22.18 -21.00 -13.62
N LYS A 37 22.12 -21.39 -14.89
CA LYS A 37 23.16 -21.24 -15.94
C LYS A 37 22.58 -20.48 -17.13
N GLU A 38 21.26 -20.22 -17.16
CA GLU A 38 20.58 -19.45 -18.24
C GLU A 38 19.60 -18.40 -17.66
N PHE A 39 19.58 -17.21 -18.24
CA PHE A 39 18.68 -16.12 -17.86
C PHE A 39 18.12 -15.49 -19.14
N PHE A 40 16.79 -15.41 -19.23
CA PHE A 40 16.03 -14.88 -20.38
C PHE A 40 16.64 -15.42 -21.69
N GLY A 41 16.82 -16.74 -21.76
CA GLY A 41 17.32 -17.44 -22.96
C GLY A 41 18.78 -17.17 -23.28
N GLU A 42 19.56 -16.57 -22.36
CA GLU A 42 21.02 -16.27 -22.58
C GLU A 42 21.91 -17.06 -21.65
N PRO A 43 23.10 -17.56 -22.10
CA PRO A 43 24.03 -18.26 -21.22
C PRO A 43 24.86 -17.30 -20.35
N LEU A 44 25.38 -17.76 -19.21
CA LEU A 44 26.20 -16.94 -18.24
C LEU A 44 27.32 -16.23 -18.99
N THR A 45 27.97 -16.96 -19.89
CA THR A 45 28.97 -16.49 -20.89
C THR A 45 28.65 -15.10 -21.39
N SER A 46 27.37 -14.86 -21.70
CA SER A 46 26.89 -13.67 -22.45
C SER A 46 26.41 -12.59 -21.49
N ILE A 47 26.72 -12.70 -20.20
CA ILE A 47 26.17 -11.81 -19.13
C ILE A 47 27.27 -11.40 -18.17
N ALA A 48 27.33 -10.11 -17.84
CA ALA A 48 28.24 -9.49 -16.84
C ALA A 48 27.50 -9.33 -15.50
N ILE A 49 27.88 -10.14 -14.49
CA ILE A 49 27.26 -10.16 -13.13
C ILE A 49 28.12 -9.29 -12.20
N HIS A 50 27.54 -8.25 -11.60
CA HIS A 50 28.17 -7.32 -10.63
C HIS A 50 27.44 -7.44 -9.29
N ARG A 51 28.07 -8.07 -8.32
CA ARG A 51 27.48 -8.52 -7.03
C ARG A 51 28.15 -7.74 -5.91
N ALA A 52 27.38 -7.12 -5.04
CA ALA A 52 27.89 -6.48 -3.80
C ALA A 52 26.94 -6.83 -2.66
N GLY A 53 27.27 -7.86 -1.88
CA GLY A 53 26.40 -8.40 -0.82
C GLY A 53 25.06 -8.82 -1.39
N GLU A 54 23.97 -8.20 -0.94
CA GLU A 54 22.58 -8.60 -1.31
C GLU A 54 22.12 -7.85 -2.58
N PHE A 55 22.97 -6.98 -3.14
CA PHE A 55 22.68 -6.32 -4.45
C PHE A 55 23.38 -7.07 -5.57
N THR A 56 22.64 -7.46 -6.61
CA THR A 56 23.21 -8.07 -7.85
C THR A 56 22.66 -7.34 -9.07
N LEU A 57 23.56 -6.96 -9.99
CA LEU A 57 23.25 -6.32 -11.31
C LEU A 57 23.68 -7.28 -12.42
N PHE A 58 22.78 -7.53 -13.37
CA PHE A 58 23.00 -8.35 -14.60
C PHE A 58 23.03 -7.38 -15.78
N ARG A 59 24.14 -7.34 -16.54
CA ARG A 59 24.23 -6.54 -17.78
CA ARG A 59 24.20 -6.55 -17.78
C ARG A 59 24.31 -7.53 -18.95
N PHE A 60 23.32 -7.51 -19.84
CA PHE A 60 23.16 -8.47 -20.95
C PHE A 60 23.91 -7.94 -22.18
N SER A 61 24.40 -8.79 -23.07
CA SER A 61 25.10 -8.32 -24.29
CA SER A 61 25.10 -8.33 -24.31
C SER A 61 24.06 -7.86 -25.33
N LYS A 62 22.83 -8.39 -25.27
CA LYS A 62 21.72 -7.99 -26.18
C LYS A 62 20.53 -7.42 -25.38
N LYS A 63 19.70 -6.63 -26.07
CA LYS A 63 18.45 -6.02 -25.54
C LYS A 63 17.42 -7.10 -25.26
N ILE A 64 17.20 -7.40 -24.00
CA ILE A 64 16.16 -8.37 -23.56
C ILE A 64 14.83 -7.63 -23.50
N ARG A 65 14.83 -6.36 -23.10
CA ARG A 65 13.57 -5.59 -22.93
C ARG A 65 13.61 -4.32 -23.79
N PRO A 66 13.52 -4.43 -25.14
CA PRO A 66 13.54 -3.25 -26.02
C PRO A 66 12.33 -2.31 -25.93
N ASP A 67 11.26 -2.70 -25.26
CA ASP A 67 10.09 -1.82 -25.04
C ASP A 67 10.44 -0.69 -24.07
N LEU A 68 11.50 -0.86 -23.26
CA LEU A 68 11.81 0.10 -22.14
C LEU A 68 12.87 1.15 -22.50
N THR A 69 12.76 2.32 -21.86
CA THR A 69 13.78 3.39 -21.87
C THR A 69 14.71 3.15 -20.67
N GLY A 70 16.01 3.44 -20.78
CA GLY A 70 16.92 3.41 -19.62
C GLY A 70 16.50 4.47 -18.61
N MET A 71 16.51 4.13 -17.32
CA MET A 71 16.15 4.99 -16.15
C MET A 71 17.41 5.28 -15.34
N ILE A 72 17.28 6.16 -14.36
CA ILE A 72 18.37 6.43 -13.38
C ILE A 72 18.37 5.42 -12.22
N LEU A 73 19.53 4.77 -11.98
CA LEU A 73 19.85 3.91 -10.81
C LEU A 73 20.83 4.67 -9.93
N GLU A 74 20.43 4.99 -8.71
CA GLU A 74 21.35 5.61 -7.74
C GLU A 74 21.68 4.67 -6.57
N GLU A 75 22.79 5.00 -5.90
CA GLU A 75 23.29 4.26 -4.72
C GLU A 75 22.56 4.71 -3.45
N GLY A 76 21.35 4.20 -3.23
CA GLY A 76 20.46 4.62 -2.14
C GLY A 76 19.95 6.01 -2.35
N CYS A 77 19.40 6.66 -1.31
CA CYS A 77 18.79 8.02 -1.39
C CYS A 77 19.06 8.82 -0.12
N PRO A 78 18.86 10.17 -0.12
CA PRO A 78 19.06 10.96 1.09
C PRO A 78 18.16 10.41 2.21
N GLU A 79 18.71 10.43 3.42
CA GLU A 79 17.94 10.26 4.66
C GLU A 79 16.73 11.16 4.57
N GLY A 80 15.59 10.64 4.97
CA GLY A 80 14.32 11.39 5.05
C GLY A 80 13.48 11.28 3.79
N THR A 81 14.08 10.88 2.67
CA THR A 81 13.32 10.64 1.41
C THR A 81 12.21 9.63 1.70
N VAL A 82 11.02 9.86 1.16
CA VAL A 82 9.91 8.86 1.16
C VAL A 82 9.96 8.10 -0.18
N CYS A 83 10.12 6.78 -0.10
CA CYS A 83 10.12 5.90 -1.30
C CYS A 83 8.81 5.08 -1.29
N SER A 84 8.48 4.52 -2.43
CA SER A 84 7.49 3.45 -2.64
C SER A 84 8.27 2.17 -2.98
N VAL A 85 7.96 1.06 -2.31
CA VAL A 85 8.41 -0.31 -2.65
C VAL A 85 7.36 -0.95 -3.57
N LEU A 86 7.73 -1.33 -4.80
CA LEU A 86 6.72 -1.74 -5.81
C LEU A 86 6.45 -3.25 -5.71
N ILE A 87 5.50 -3.61 -4.85
CA ILE A 87 5.19 -5.02 -4.46
C ILE A 87 3.96 -5.52 -5.23
N LYS A 88 4.10 -6.59 -6.03
CA LYS A 88 2.94 -7.31 -6.66
C LYS A 88 2.48 -8.41 -5.71
N ARG A 89 1.17 -8.47 -5.48
CA ARG A 89 0.52 -9.53 -4.66
C ARG A 89 -0.59 -10.27 -5.42
N ASP A 90 -1.04 -11.37 -4.84
CA ASP A 90 -2.07 -12.30 -5.37
C ASP A 90 -3.24 -11.48 -5.90
N SER A 91 -3.34 -11.39 -7.23
CA SER A 91 -4.58 -11.00 -7.94
C SER A 91 -4.34 -10.00 -9.07
N GLY A 92 -3.12 -9.80 -9.57
CA GLY A 92 -2.78 -8.50 -10.20
C GLY A 92 -3.05 -7.33 -9.22
N GLU A 93 -3.05 -7.56 -7.91
CA GLU A 93 -3.03 -6.35 -7.02
C GLU A 93 -1.61 -5.76 -6.91
N LEU A 94 -1.55 -4.44 -6.86
CA LEU A 94 -0.29 -3.67 -6.93
C LEU A 94 -0.15 -2.91 -5.61
N LEU A 95 0.92 -3.15 -4.82
CA LEU A 95 1.02 -2.58 -3.46
C LEU A 95 2.25 -1.66 -3.38
N PRO A 96 2.11 -0.35 -3.67
CA PRO A 96 3.23 0.59 -3.53
C PRO A 96 3.44 1.08 -2.08
N LEU A 97 4.23 0.34 -1.29
CA LEU A 97 4.30 0.55 0.18
C LEU A 97 5.17 1.77 0.39
N ALA A 98 4.66 2.72 1.16
CA ALA A 98 5.38 3.97 1.50
C ALA A 98 6.39 3.68 2.62
N VAL A 99 7.61 4.19 2.47
CA VAL A 99 8.75 3.95 3.43
CA VAL A 99 8.72 3.96 3.45
C VAL A 99 9.56 5.24 3.58
N ARG A 100 9.82 5.70 4.82
CA ARG A 100 10.73 6.83 5.06
C ARG A 100 12.16 6.25 5.21
N MET A 101 13.09 6.67 4.37
CA MET A 101 14.42 6.04 4.38
C MET A 101 15.32 6.71 5.44
N GLY A 102 16.22 5.91 6.04
CA GLY A 102 17.21 6.34 7.05
C GLY A 102 18.64 6.06 6.63
N ALA A 103 19.51 5.77 7.61
CA ALA A 103 20.97 5.60 7.39
C ALA A 103 21.28 4.23 6.78
N ILE A 104 22.43 4.10 6.11
CA ILE A 104 23.09 2.80 5.85
C ILE A 104 23.29 2.08 7.18
N ALA A 105 22.90 0.79 7.28
CA ALA A 105 22.90 0.01 8.53
C ALA A 105 23.41 -1.42 8.30
N SER A 106 23.99 -1.97 9.36
CA SER A 106 24.29 -3.41 9.50
C SER A 106 23.41 -3.98 10.63
N MET A 107 22.63 -5.04 10.33
CA MET A 107 21.65 -5.66 11.26
C MET A 107 21.78 -7.20 11.29
N ARG A 108 21.35 -7.81 12.39
CA ARG A 108 21.03 -9.26 12.41
C ARG A 108 19.50 -9.41 12.40
N ILE A 109 18.97 -10.06 11.37
CA ILE A 109 17.51 -10.28 11.14
C ILE A 109 17.30 -11.78 10.95
N GLN A 110 16.51 -12.37 11.85
CA GLN A 110 16.25 -13.82 11.91
C GLN A 110 17.65 -14.45 11.87
N GLY A 111 17.90 -15.40 10.96
CA GLY A 111 19.20 -16.07 10.94
C GLY A 111 20.20 -15.41 9.99
N ARG A 112 20.31 -14.08 9.87
CA ARG A 112 21.29 -13.56 8.87
C ARG A 112 21.82 -12.15 9.17
N LEU A 113 23.05 -11.89 8.71
CA LEU A 113 23.65 -10.53 8.80
C LEU A 113 23.35 -9.81 7.50
N VAL A 114 22.70 -8.64 7.62
CA VAL A 114 22.14 -7.84 6.50
C VAL A 114 22.75 -6.43 6.52
N HIS A 115 23.16 -5.96 5.34
CA HIS A 115 23.76 -4.61 5.16
C HIS A 115 23.04 -3.87 4.03
N GLY A 116 22.57 -2.65 4.30
CA GLY A 116 22.00 -1.78 3.24
C GLY A 116 21.35 -0.54 3.80
N GLN A 117 20.43 0.10 3.07
CA GLN A 117 19.76 1.31 3.61
C GLN A 117 18.48 0.94 4.37
N SER A 118 18.42 1.35 5.65
CA SER A 118 17.29 1.13 6.56
C SER A 118 16.17 2.12 6.21
N GLY A 119 14.93 1.66 6.40
CA GLY A 119 13.71 2.48 6.33
C GLY A 119 12.64 2.00 7.29
N MET A 120 11.64 2.87 7.52
CA MET A 120 10.47 2.59 8.37
C MET A 120 9.21 2.74 7.53
N LEU A 121 8.39 1.72 7.55
CA LEU A 121 7.11 1.72 6.78
C LEU A 121 6.18 2.79 7.32
N LEU A 122 5.47 3.50 6.42
CA LEU A 122 4.46 4.54 6.74
C LEU A 122 3.06 4.07 6.35
N THR A 123 2.81 2.78 6.51
CA THR A 123 1.54 2.13 6.17
C THR A 123 0.60 1.97 7.39
N GLY A 124 1.11 1.98 8.62
CA GLY A 124 0.34 1.62 9.84
C GLY A 124 1.23 1.50 11.07
N ALA A 125 0.68 1.19 12.25
CA ALA A 125 1.46 1.20 13.53
C ALA A 125 2.23 -0.11 13.73
N ASN A 126 1.70 -1.26 13.29
CA ASN A 126 2.21 -2.59 13.69
C ASN A 126 2.11 -3.51 12.47
N ALA A 127 2.71 -3.06 11.37
CA ALA A 127 2.62 -3.65 10.01
C ALA A 127 3.27 -5.05 9.94
N LYS A 128 2.98 -5.96 10.86
CA LYS A 128 3.54 -7.34 10.85
C LYS A 128 2.61 -8.31 10.11
N GLY A 129 2.66 -8.37 8.80
CA GLY A 129 1.64 -9.12 8.05
C GLY A 129 1.53 -8.65 6.62
N MET A 130 0.79 -9.41 5.82
CA MET A 130 0.71 -9.18 4.36
C MET A 130 -0.14 -7.94 4.04
N ASP A 131 -1.06 -7.49 4.91
CA ASP A 131 -2.04 -6.43 4.52
C ASP A 131 -1.39 -5.04 4.51
N LEU A 132 -0.56 -4.73 5.52
CA LEU A 132 0.12 -3.41 5.67
C LEU A 132 1.64 -3.50 5.50
N GLY A 133 2.23 -4.71 5.46
CA GLY A 133 3.70 -4.85 5.47
C GLY A 133 4.24 -5.80 4.42
N THR A 134 5.52 -6.14 4.53
CA THR A 134 6.24 -7.03 3.58
C THR A 134 6.16 -8.48 4.07
N ILE A 135 6.40 -9.39 3.13
CA ILE A 135 6.47 -10.87 3.31
C ILE A 135 7.70 -11.37 2.56
N PRO A 136 8.27 -12.54 2.94
CA PRO A 136 9.54 -13.00 2.38
C PRO A 136 9.57 -13.06 0.84
N GLY A 137 8.41 -13.34 0.19
CA GLY A 137 8.24 -13.38 -1.28
C GLY A 137 8.40 -12.01 -1.96
N ASP A 138 8.50 -10.92 -1.20
CA ASP A 138 8.61 -9.57 -1.79
C ASP A 138 10.07 -9.23 -2.09
N CYS A 139 11.03 -10.08 -1.68
CA CYS A 139 12.48 -9.81 -1.83
C CYS A 139 12.82 -9.59 -3.31
N GLY A 140 13.58 -8.54 -3.60
CA GLY A 140 13.93 -8.04 -4.94
C GLY A 140 13.04 -6.90 -5.48
N ALA A 141 11.92 -6.57 -4.84
CA ALA A 141 11.05 -5.45 -5.26
C ALA A 141 11.81 -4.12 -5.18
N PRO A 142 11.67 -3.23 -6.20
CA PRO A 142 12.41 -1.98 -6.23
C PRO A 142 11.88 -0.88 -5.31
N TYR A 143 12.80 -0.10 -4.75
CA TYR A 143 12.56 1.16 -4.00
C TYR A 143 12.70 2.29 -5.04
N VAL A 144 11.65 3.09 -5.19
CA VAL A 144 11.61 4.18 -6.20
C VAL A 144 11.12 5.47 -5.55
N TYR A 145 11.49 6.61 -6.12
CA TYR A 145 10.92 7.89 -5.67
C TYR A 145 10.92 8.84 -6.84
N LYS A 146 10.05 9.85 -6.74
CA LYS A 146 9.93 10.88 -7.78
C LYS A 146 10.79 12.10 -7.42
N ARG A 147 11.57 12.64 -8.36
CA ARG A 147 12.37 13.86 -8.09
C ARG A 147 12.23 14.87 -9.24
N ALA A 148 11.50 15.97 -8.97
CA ALA A 148 11.19 17.09 -9.91
C ALA A 148 10.26 16.61 -11.04
N ASN A 149 10.82 16.04 -12.10
CA ASN A 149 10.05 15.47 -13.24
C ASN A 149 10.41 14.00 -13.51
N ASP A 150 11.41 13.47 -12.81
CA ASP A 150 12.04 12.12 -12.99
C ASP A 150 11.49 11.18 -11.92
N TRP A 151 11.46 9.86 -12.17
CA TRP A 151 11.48 8.77 -11.16
C TRP A 151 12.88 8.14 -11.10
N VAL A 152 13.32 7.74 -9.91
CA VAL A 152 14.65 7.15 -9.63
C VAL A 152 14.38 5.78 -9.00
N VAL A 153 15.18 4.78 -9.30
CA VAL A 153 15.26 3.53 -8.50
C VAL A 153 16.57 3.56 -7.69
N CYS A 154 16.52 3.20 -6.41
CA CYS A 154 17.70 3.38 -5.53
C CYS A 154 18.01 2.12 -4.70
N GLY A 155 17.36 1.00 -5.00
CA GLY A 155 17.69 -0.27 -4.33
C GLY A 155 16.62 -1.34 -4.49
N VAL A 156 16.86 -2.48 -3.87
CA VAL A 156 15.94 -3.67 -3.96
C VAL A 156 15.72 -4.24 -2.56
N HIS A 157 14.51 -4.75 -2.33
CA HIS A 157 14.07 -5.24 -1.00
C HIS A 157 14.85 -6.47 -0.57
N ALA A 158 15.48 -6.39 0.62
CA ALA A 158 16.45 -7.39 1.10
C ALA A 158 15.96 -8.09 2.36
N ALA A 159 15.31 -7.37 3.26
CA ALA A 159 14.92 -7.92 4.58
C ALA A 159 13.91 -7.02 5.30
N ALA A 160 13.20 -7.60 6.26
CA ALA A 160 12.35 -6.87 7.22
C ALA A 160 12.51 -7.51 8.59
N THR A 161 12.35 -6.68 9.64
CA THR A 161 12.40 -7.17 11.03
C THR A 161 11.14 -7.95 11.40
N LYS A 162 11.23 -8.71 12.49
CA LYS A 162 10.10 -9.53 13.04
C LYS A 162 8.86 -8.65 13.23
N SER A 163 9.00 -7.43 13.74
CA SER A 163 7.87 -6.48 13.99
C SER A 163 7.29 -6.04 12.65
N GLY A 164 8.10 -6.10 11.59
CA GLY A 164 7.75 -5.62 10.24
C GLY A 164 7.95 -4.11 10.04
N ASN A 165 8.15 -3.30 11.09
CA ASN A 165 8.25 -1.81 10.95
C ASN A 165 9.50 -1.37 10.18
N THR A 166 10.64 -2.03 10.37
CA THR A 166 11.95 -1.70 9.72
C THR A 166 12.16 -2.61 8.50
N VAL A 167 12.55 -2.02 7.38
CA VAL A 167 12.96 -2.78 6.17
C VAL A 167 14.39 -2.40 5.79
N VAL A 168 15.01 -3.19 4.91
CA VAL A 168 16.37 -2.92 4.41
C VAL A 168 16.35 -3.06 2.90
N CYS A 169 16.84 -2.05 2.26
CA CYS A 169 17.03 -1.95 0.81
C CYS A 169 18.51 -2.23 0.52
N ALA A 170 18.82 -3.27 -0.27
CA ALA A 170 20.22 -3.47 -0.75
C ALA A 170 20.50 -2.41 -1.83
N VAL A 171 21.71 -1.85 -1.82
CA VAL A 171 22.12 -0.72 -2.69
C VAL A 171 23.36 -1.10 -3.51
N GLN A 172 23.48 -0.53 -4.70
CA GLN A 172 24.69 -0.62 -5.56
C GLN A 172 25.86 0.05 -4.83
N PRO B 1 -8.00 -17.92 3.38
CA PRO B 1 -7.91 -16.91 4.45
C PRO B 1 -8.12 -15.48 3.94
N PRO B 2 -9.35 -14.91 3.98
CA PRO B 2 -9.63 -13.64 3.32
C PRO B 2 -8.92 -12.45 3.99
N THR B 3 -8.04 -11.78 3.27
CA THR B 3 -7.37 -10.50 3.58
C THR B 3 -8.40 -9.42 3.98
N LEU B 4 -7.96 -8.37 4.70
CA LEU B 4 -8.74 -7.11 4.88
C LEU B 4 -9.12 -6.53 3.51
N TRP B 5 -8.23 -6.57 2.54
CA TRP B 5 -8.40 -5.87 1.23
C TRP B 5 -9.63 -6.42 0.49
N SER B 6 -9.93 -7.72 0.64
CA SER B 6 -11.10 -8.32 -0.08
C SER B 6 -12.42 -7.74 0.47
N ARG B 7 -12.38 -7.07 1.61
CA ARG B 7 -13.60 -6.45 2.24
C ARG B 7 -13.89 -5.05 1.64
N VAL B 8 -12.89 -4.43 1.01
CA VAL B 8 -13.03 -3.09 0.37
C VAL B 8 -13.58 -3.25 -1.04
N THR B 9 -14.67 -2.60 -1.35
CA THR B 9 -15.56 -2.89 -2.53
C THR B 9 -15.96 -1.57 -3.18
N LYS B 10 -15.86 -1.48 -4.50
CA LYS B 10 -16.32 -0.29 -5.26
C LYS B 10 -17.82 -0.11 -5.02
N PHE B 11 -18.27 1.12 -4.74
CA PHE B 11 -19.69 1.38 -4.42
C PHE B 11 -20.07 2.85 -4.68
N GLY B 12 -21.08 3.10 -5.53
CA GLY B 12 -21.54 4.47 -5.82
C GLY B 12 -20.43 5.28 -6.45
N SER B 13 -20.21 6.52 -6.00
CA SER B 13 -19.07 7.36 -6.44
C SER B 13 -17.78 7.12 -5.60
N GLY B 14 -17.72 6.11 -4.74
CA GLY B 14 -16.46 5.71 -4.04
C GLY B 14 -16.40 4.23 -3.66
N TRP B 15 -16.30 3.96 -2.35
CA TRP B 15 -15.99 2.61 -1.81
C TRP B 15 -16.81 2.34 -0.55
N GLY B 16 -16.76 1.11 -0.08
CA GLY B 16 -17.30 0.72 1.21
C GLY B 16 -16.58 -0.51 1.71
N PHE B 17 -16.93 -0.99 2.90
CA PHE B 17 -16.21 -2.05 3.65
C PHE B 17 -17.20 -3.04 4.28
N TRP B 18 -17.00 -4.35 3.98
CA TRP B 18 -17.76 -5.48 4.60
C TRP B 18 -17.20 -5.78 6.00
N VAL B 19 -18.00 -5.44 7.03
CA VAL B 19 -17.66 -5.74 8.45
C VAL B 19 -17.90 -7.21 8.77
N SER B 20 -18.92 -7.79 8.14
CA SER B 20 -19.39 -9.16 8.36
C SER B 20 -20.10 -9.64 7.08
N PRO B 21 -20.56 -10.89 6.99
CA PRO B 21 -21.36 -11.30 5.83
C PRO B 21 -22.62 -10.45 5.53
N THR B 22 -23.22 -9.82 6.55
CA THR B 22 -24.47 -9.03 6.40
C THR B 22 -24.26 -7.52 6.60
N VAL B 23 -23.09 -7.05 7.04
CA VAL B 23 -22.91 -5.61 7.38
C VAL B 23 -21.87 -4.97 6.47
N PHE B 24 -22.25 -3.86 5.84
CA PHE B 24 -21.48 -3.06 4.87
C PHE B 24 -21.56 -1.59 5.34
N ILE B 25 -20.41 -0.93 5.49
CA ILE B 25 -20.33 0.52 5.86
C ILE B 25 -19.72 1.34 4.73
N THR B 26 -20.15 2.60 4.62
CA THR B 26 -19.70 3.54 3.59
C THR B 26 -19.96 4.99 4.04
N THR B 27 -19.47 5.94 3.24
CA THR B 27 -19.61 7.41 3.41
C THR B 27 -20.96 7.77 2.76
N THR B 28 -21.84 8.38 3.51
CA THR B 28 -23.23 8.71 3.10
C THR B 28 -23.24 9.33 1.71
N HIS B 29 -22.34 10.29 1.43
CA HIS B 29 -22.41 11.08 0.18
C HIS B 29 -22.08 10.26 -1.09
N VAL B 30 -21.47 9.07 -1.00
CA VAL B 30 -21.12 8.26 -2.20
C VAL B 30 -22.30 7.38 -2.62
N ILE B 31 -23.30 7.20 -1.76
CA ILE B 31 -24.44 6.28 -2.03
C ILE B 31 -25.30 6.86 -3.15
N PRO B 32 -25.66 6.06 -4.17
CA PRO B 32 -26.65 6.48 -5.17
C PRO B 32 -27.96 7.00 -4.57
N THR B 33 -28.50 8.06 -5.17
CA THR B 33 -29.81 8.64 -4.77
C THR B 33 -30.93 8.07 -5.62
N SER B 34 -30.60 7.31 -6.66
CA SER B 34 -31.61 6.57 -7.46
C SER B 34 -31.23 5.07 -7.49
N ALA B 35 -31.99 4.20 -6.81
CA ALA B 35 -31.70 2.74 -6.71
C ALA B 35 -32.94 1.94 -6.26
N LYS B 36 -33.09 0.69 -6.71
CA LYS B 36 -34.10 -0.26 -6.15
C LYS B 36 -33.42 -1.51 -5.57
N GLU B 37 -32.10 -1.67 -5.77
CA GLU B 37 -31.34 -2.83 -5.25
C GLU B 37 -29.92 -2.35 -4.95
N PHE B 38 -29.27 -2.98 -3.98
CA PHE B 38 -27.79 -2.99 -3.84
C PHE B 38 -27.30 -4.43 -3.72
N PHE B 39 -26.22 -4.77 -4.44
CA PHE B 39 -25.58 -6.11 -4.39
C PHE B 39 -26.63 -7.19 -4.68
N GLY B 40 -27.58 -6.89 -5.55
CA GLY B 40 -28.64 -7.82 -5.97
C GLY B 40 -29.78 -7.96 -4.96
N GLU B 41 -29.79 -7.24 -3.84
CA GLU B 41 -30.86 -7.40 -2.80
C GLU B 41 -31.80 -6.20 -2.90
N PRO B 42 -33.15 -6.40 -2.92
CA PRO B 42 -34.08 -5.27 -3.00
C PRO B 42 -33.98 -4.39 -1.74
N LEU B 43 -34.17 -3.09 -1.91
CA LEU B 43 -33.96 -2.12 -0.82
C LEU B 43 -34.96 -2.41 0.31
N THR B 44 -36.15 -2.91 0.00
CA THR B 44 -37.15 -3.41 0.98
C THR B 44 -36.51 -4.27 2.05
N SER B 45 -35.51 -5.06 1.68
CA SER B 45 -34.91 -6.09 2.56
C SER B 45 -33.65 -5.55 3.25
N ILE B 46 -33.27 -4.28 3.03
CA ILE B 46 -32.01 -3.69 3.57
C ILE B 46 -32.37 -2.65 4.62
N ALA B 47 -31.77 -2.76 5.80
CA ALA B 47 -31.85 -1.75 6.88
C ALA B 47 -30.76 -0.70 6.64
N ILE B 48 -31.13 0.57 6.55
CA ILE B 48 -30.16 1.68 6.35
C ILE B 48 -30.15 2.51 7.62
N HIS B 49 -29.00 2.57 8.30
CA HIS B 49 -28.77 3.39 9.51
C HIS B 49 -27.77 4.49 9.15
N ARG B 50 -28.24 5.73 9.05
CA ARG B 50 -27.40 6.90 8.68
C ARG B 50 -27.21 7.77 9.90
N ALA B 51 -25.99 8.29 10.06
CA ALA B 51 -25.59 9.30 11.07
C ALA B 51 -24.58 10.23 10.40
N GLY B 52 -25.06 11.38 9.93
CA GLY B 52 -24.27 12.32 9.15
C GLY B 52 -23.55 11.60 7.99
N GLU B 53 -22.22 11.71 7.89
CA GLU B 53 -21.45 11.12 6.76
C GLU B 53 -21.15 9.61 6.96
N PHE B 54 -21.64 8.98 8.02
CA PHE B 54 -21.48 7.52 8.23
C PHE B 54 -22.81 6.80 7.91
N THR B 55 -22.81 5.80 7.02
CA THR B 55 -23.99 4.93 6.79
C THR B 55 -23.57 3.46 6.93
N LEU B 56 -24.42 2.70 7.64
CA LEU B 56 -24.39 1.23 7.79
C LEU B 56 -25.62 0.60 7.13
N PHE B 57 -25.36 -0.41 6.29
CA PHE B 57 -26.36 -1.32 5.67
C PHE B 57 -26.34 -2.69 6.36
N ARG B 58 -27.50 -3.19 6.81
CA ARG B 58 -27.64 -4.57 7.36
CA ARG B 58 -27.63 -4.58 7.35
C ARG B 58 -28.56 -5.35 6.41
N PHE B 59 -28.02 -6.32 5.68
CA PHE B 59 -28.75 -7.18 4.69
C PHE B 59 -29.49 -8.32 5.42
N SER B 60 -30.61 -8.82 4.90
CA SER B 60 -31.37 -9.97 5.48
C SER B 60 -30.75 -11.32 5.08
N LYS B 61 -29.97 -11.38 4.00
CA LYS B 61 -29.25 -12.63 3.64
C LYS B 61 -27.73 -12.41 3.68
N LYS B 62 -26.93 -13.50 3.75
CA LYS B 62 -25.44 -13.44 3.78
C LYS B 62 -24.94 -13.12 2.36
N ILE B 63 -24.49 -11.89 2.12
CA ILE B 63 -23.91 -11.42 0.83
C ILE B 63 -22.45 -11.89 0.72
N ARG B 64 -21.68 -11.85 1.81
CA ARG B 64 -20.24 -12.24 1.83
C ARG B 64 -20.04 -13.36 2.86
N PRO B 65 -20.58 -14.58 2.62
CA PRO B 65 -20.47 -15.66 3.61
C PRO B 65 -19.03 -16.17 3.80
N ASP B 66 -18.12 -15.78 2.89
CA ASP B 66 -16.67 -16.08 3.00
C ASP B 66 -16.03 -15.32 4.18
N LEU B 67 -16.66 -14.26 4.71
CA LEU B 67 -16.04 -13.40 5.76
C LEU B 67 -16.45 -13.80 7.18
N THR B 68 -15.54 -13.63 8.17
CA THR B 68 -15.87 -13.57 9.62
C THR B 68 -16.24 -12.13 10.03
N GLY B 69 -17.00 -11.98 11.12
CA GLY B 69 -17.36 -10.68 11.67
C GLY B 69 -16.16 -10.04 12.35
N MET B 70 -15.99 -8.75 12.13
CA MET B 70 -14.90 -7.92 12.68
C MET B 70 -15.48 -6.97 13.74
N ILE B 71 -14.63 -6.48 14.65
CA ILE B 71 -15.03 -5.42 15.60
C ILE B 71 -15.21 -4.09 14.86
N LEU B 72 -16.39 -3.46 15.00
CA LEU B 72 -16.69 -2.05 14.60
C LEU B 72 -16.86 -1.20 15.86
N GLU B 73 -16.10 -0.10 15.97
CA GLU B 73 -16.13 0.81 17.13
C GLU B 73 -16.41 2.24 16.65
N GLU B 74 -16.86 3.09 17.56
CA GLU B 74 -17.22 4.50 17.27
CA GLU B 74 -17.21 4.51 17.24
C GLU B 74 -15.92 5.34 17.31
N GLY B 75 -15.11 5.30 16.25
CA GLY B 75 -13.80 6.01 16.29
C GLY B 75 -12.86 5.28 17.22
N CYS B 76 -11.73 5.88 17.54
CA CYS B 76 -10.66 5.20 18.32
C CYS B 76 -10.09 6.22 19.30
N PRO B 77 -9.29 5.75 20.27
CA PRO B 77 -8.61 6.70 21.17
C PRO B 77 -7.68 7.68 20.41
N GLU B 78 -7.65 8.91 20.90
CA GLU B 78 -6.75 9.95 20.40
C GLU B 78 -5.33 9.41 20.46
N GLY B 79 -4.57 9.66 19.39
CA GLY B 79 -3.19 9.18 19.20
C GLY B 79 -3.10 7.83 18.49
N THR B 80 -4.19 7.08 18.36
CA THR B 80 -4.14 5.79 17.60
C THR B 80 -3.60 6.07 16.18
N VAL B 81 -2.64 5.28 15.72
CA VAL B 81 -2.22 5.32 14.30
C VAL B 81 -3.05 4.27 13.52
N CYS B 82 -4.04 4.74 12.78
CA CYS B 82 -4.89 3.90 11.91
C CYS B 82 -4.24 3.74 10.53
N SER B 83 -4.72 2.78 9.74
CA SER B 83 -4.40 2.70 8.30
C SER B 83 -5.71 2.98 7.54
N VAL B 84 -5.70 3.90 6.59
CA VAL B 84 -6.80 4.07 5.58
C VAL B 84 -6.52 3.10 4.41
N LEU B 85 -7.44 2.19 4.14
CA LEU B 85 -7.23 1.13 3.11
C LEU B 85 -7.82 1.61 1.77
N ILE B 86 -7.05 2.38 1.02
CA ILE B 86 -7.46 3.02 -0.25
C ILE B 86 -7.30 1.99 -1.38
N LYS B 87 -8.36 1.74 -2.14
CA LYS B 87 -8.22 1.07 -3.46
C LYS B 87 -8.36 2.07 -4.60
N ARG B 88 -7.60 1.88 -5.67
CA ARG B 88 -7.69 2.75 -6.87
C ARG B 88 -8.12 1.88 -8.05
N ASP B 89 -8.75 2.49 -9.05
CA ASP B 89 -9.18 1.76 -10.28
C ASP B 89 -7.96 1.28 -11.10
N SER B 90 -6.73 1.77 -10.88
CA SER B 90 -5.51 1.11 -11.46
C SER B 90 -5.33 -0.36 -10.99
N GLY B 91 -5.89 -0.75 -9.87
CA GLY B 91 -5.52 -2.02 -9.21
C GLY B 91 -4.49 -1.80 -8.10
N GLU B 92 -4.17 -0.56 -7.80
CA GLU B 92 -3.21 -0.27 -6.71
C GLU B 92 -3.98 -0.33 -5.37
N LEU B 93 -3.30 -0.83 -4.36
CA LEU B 93 -3.71 -0.85 -2.93
C LEU B 93 -2.78 0.12 -2.18
N LEU B 94 -3.33 1.12 -1.48
CA LEU B 94 -2.53 2.22 -0.87
C LEU B 94 -2.87 2.34 0.62
N PRO B 95 -2.27 1.50 1.49
CA PRO B 95 -2.49 1.67 2.93
C PRO B 95 -1.62 2.83 3.44
N LEU B 96 -2.29 3.85 3.99
CA LEU B 96 -1.59 5.08 4.49
C LEU B 96 -1.83 5.23 6.00
N ALA B 97 -0.75 5.48 6.73
CA ALA B 97 -0.77 5.75 8.19
C ALA B 97 -1.35 7.13 8.45
N VAL B 98 -2.26 7.20 9.42
CA VAL B 98 -2.95 8.45 9.85
CA VAL B 98 -2.93 8.46 9.85
C VAL B 98 -2.99 8.49 11.38
N ARG B 99 -2.49 9.57 11.98
CA ARG B 99 -2.53 9.71 13.46
C ARG B 99 -3.87 10.35 13.77
N MET B 100 -4.68 9.71 14.60
CA MET B 100 -6.05 10.18 14.84
C MET B 100 -6.06 11.18 16.02
N GLY B 101 -6.90 12.19 15.88
CA GLY B 101 -7.15 13.27 16.85
C GLY B 101 -8.55 13.22 17.42
N ALA B 102 -9.12 14.40 17.70
CA ALA B 102 -10.41 14.54 18.36
C ALA B 102 -11.54 14.50 17.34
N ILE B 103 -12.69 14.16 17.85
CA ILE B 103 -13.99 14.34 17.15
C ILE B 103 -14.24 15.85 17.09
N ALA B 104 -14.57 16.35 15.91
CA ALA B 104 -14.80 17.79 15.69
C ALA B 104 -15.67 18.03 14.46
N SER B 105 -16.16 19.25 14.36
CA SER B 105 -16.70 19.81 13.08
CA SER B 105 -16.72 19.85 13.11
C SER B 105 -15.61 20.69 12.46
N MET B 106 -15.13 20.27 11.29
CA MET B 106 -13.97 20.89 10.63
C MET B 106 -14.41 21.49 9.31
N ARG B 107 -13.80 22.62 9.01
CA ARG B 107 -13.93 23.33 7.72
C ARG B 107 -12.87 22.74 6.77
N ILE B 108 -13.34 22.02 5.75
CA ILE B 108 -12.50 21.26 4.80
C ILE B 108 -12.87 21.76 3.42
N GLN B 109 -11.99 22.55 2.79
CA GLN B 109 -12.28 23.30 1.54
C GLN B 109 -13.69 23.95 1.62
N GLY B 110 -13.89 24.88 2.57
CA GLY B 110 -15.12 25.71 2.67
C GLY B 110 -16.37 24.95 3.12
N ARG B 111 -16.23 23.71 3.59
CA ARG B 111 -17.40 22.86 3.95
C ARG B 111 -17.21 22.29 5.37
N LEU B 112 -18.29 22.23 6.18
CA LEU B 112 -18.28 21.64 7.54
C LEU B 112 -18.46 20.13 7.44
N VAL B 113 -17.54 19.36 8.01
CA VAL B 113 -17.72 17.88 8.08
C VAL B 113 -17.49 17.48 9.51
N HIS B 114 -18.40 16.67 10.07
CA HIS B 114 -18.24 16.16 11.45
C HIS B 114 -17.63 14.76 11.42
N GLY B 115 -16.58 14.51 12.21
CA GLY B 115 -16.02 13.16 12.36
C GLY B 115 -14.75 13.21 13.19
N GLN B 116 -13.97 12.15 13.16
CA GLN B 116 -12.64 12.08 13.83
C GLN B 116 -11.60 12.68 12.86
N SER B 117 -10.99 13.80 13.26
CA SER B 117 -9.82 14.38 12.54
C SER B 117 -8.65 13.38 12.58
N GLY B 118 -7.82 13.42 11.53
CA GLY B 118 -6.52 12.72 11.49
C GLY B 118 -5.51 13.48 10.63
N MET B 119 -4.21 13.20 10.82
CA MET B 119 -3.15 13.80 10.00
C MET B 119 -2.39 12.67 9.33
N LEU B 120 -2.27 12.69 7.99
CA LEU B 120 -1.46 11.70 7.27
C LEU B 120 -0.04 11.77 7.79
N LEU B 121 0.64 10.63 7.81
CA LEU B 121 2.03 10.59 8.34
C LEU B 121 3.01 10.37 7.18
N THR B 122 2.60 10.59 5.95
CA THR B 122 3.48 10.38 4.77
C THR B 122 4.20 11.68 4.39
N GLY B 123 3.99 12.76 5.13
CA GLY B 123 4.90 13.92 5.16
C GLY B 123 4.78 14.86 3.97
N ALA B 124 5.68 15.86 3.94
CA ALA B 124 5.71 17.08 3.08
C ALA B 124 4.49 17.14 2.15
N ASN B 125 4.65 16.72 0.89
CA ASN B 125 3.56 16.63 -0.12
C ASN B 125 3.06 15.18 -0.18
N ALA B 126 1.74 15.02 -0.20
CA ALA B 126 1.02 13.72 -0.30
C ALA B 126 0.33 13.61 -1.68
N LYS B 127 0.87 14.28 -2.71
CA LYS B 127 0.35 14.29 -4.11
C LYS B 127 1.52 14.49 -5.10
N GLY B 128 1.62 13.59 -6.09
CA GLY B 128 2.83 13.39 -6.91
C GLY B 128 3.72 12.35 -6.25
N MET B 129 3.36 11.08 -6.42
CA MET B 129 3.70 9.88 -5.59
C MET B 129 2.42 9.44 -4.85
N ASP B 130 2.32 8.14 -4.61
CA ASP B 130 1.14 7.48 -3.98
C ASP B 130 1.22 7.68 -2.47
N LEU B 131 0.99 8.92 -2.01
CA LEU B 131 1.26 9.26 -0.58
C LEU B 131 0.06 9.97 0.06
N GLY B 132 -1.01 10.22 -0.68
CA GLY B 132 -2.17 10.92 -0.07
C GLY B 132 -3.46 10.52 -0.69
N THR B 133 -4.58 11.07 -0.19
CA THR B 133 -5.94 10.71 -0.68
C THR B 133 -6.32 11.62 -1.84
N ILE B 134 -7.25 11.17 -2.70
CA ILE B 134 -7.86 11.96 -3.82
C ILE B 134 -9.38 11.82 -3.73
N PRO B 135 -10.20 12.73 -4.31
CA PRO B 135 -11.66 12.67 -4.14
C PRO B 135 -12.38 11.31 -4.34
N GLY B 136 -11.99 10.50 -5.33
CA GLY B 136 -12.69 9.22 -5.54
C GLY B 136 -12.43 8.18 -4.45
N ASP B 137 -11.58 8.47 -3.45
CA ASP B 137 -11.22 7.51 -2.36
C ASP B 137 -12.31 7.47 -1.28
N CYS B 138 -13.36 8.30 -1.32
CA CYS B 138 -14.33 8.39 -0.19
C CYS B 138 -15.02 7.02 0.03
N GLY B 139 -15.13 6.64 1.30
CA GLY B 139 -15.71 5.38 1.77
C GLY B 139 -14.66 4.39 2.24
N ALA B 140 -13.37 4.59 1.96
CA ALA B 140 -12.29 3.66 2.35
C ALA B 140 -12.31 3.53 3.87
N PRO B 141 -12.11 2.31 4.43
CA PRO B 141 -12.12 2.14 5.87
C PRO B 141 -10.85 2.61 6.61
N TYR B 142 -11.05 3.01 7.88
CA TYR B 142 -9.97 3.28 8.85
C TYR B 142 -9.88 2.05 9.75
N VAL B 143 -8.69 1.40 9.83
CA VAL B 143 -8.51 0.17 10.63
C VAL B 143 -7.23 0.26 11.46
N TYR B 144 -7.11 -0.57 12.49
CA TYR B 144 -5.90 -0.71 13.33
C TYR B 144 -5.94 -2.07 14.01
N LYS B 145 -4.77 -2.52 14.42
CA LYS B 145 -4.56 -3.81 15.09
C LYS B 145 -4.46 -3.54 16.58
N ARG B 146 -5.23 -4.26 17.37
CA ARG B 146 -5.27 -4.08 18.84
C ARG B 146 -5.23 -5.48 19.42
N ALA B 147 -4.15 -5.81 20.13
CA ALA B 147 -3.83 -7.19 20.53
C ALA B 147 -3.83 -7.99 19.22
N ASN B 148 -4.64 -9.05 19.14
CA ASN B 148 -4.72 -9.98 17.98
C ASN B 148 -5.82 -9.50 17.01
N ASP B 149 -6.62 -8.51 17.42
CA ASP B 149 -7.90 -8.21 16.73
C ASP B 149 -7.70 -7.01 15.80
N TRP B 150 -8.20 -7.12 14.57
CA TRP B 150 -8.37 -5.93 13.70
C TRP B 150 -9.60 -5.18 14.16
N VAL B 151 -9.51 -3.84 14.18
CA VAL B 151 -10.65 -2.96 14.52
C VAL B 151 -10.90 -2.04 13.33
N VAL B 152 -12.17 -1.89 12.92
CA VAL B 152 -12.56 -0.84 11.95
C VAL B 152 -13.27 0.26 12.74
N CYS B 153 -12.93 1.52 12.51
CA CYS B 153 -13.49 2.58 13.38
C CYS B 153 -14.10 3.73 12.59
N GLY B 154 -14.20 3.60 11.26
CA GLY B 154 -14.96 4.58 10.45
C GLY B 154 -14.59 4.56 8.97
N VAL B 155 -15.00 5.58 8.22
CA VAL B 155 -14.92 5.61 6.73
C VAL B 155 -14.42 6.99 6.30
N HIS B 156 -13.63 7.05 5.22
CA HIS B 156 -13.03 8.31 4.71
C HIS B 156 -14.13 9.25 4.18
N ALA B 157 -14.32 10.42 4.83
CA ALA B 157 -15.39 11.38 4.50
C ALA B 157 -14.86 12.61 3.72
N ALA B 158 -13.66 13.10 4.02
CA ALA B 158 -13.17 14.38 3.47
C ALA B 158 -11.65 14.52 3.73
N ALA B 159 -11.00 15.33 2.92
CA ALA B 159 -9.56 15.64 3.04
C ALA B 159 -9.36 17.08 2.57
N THR B 160 -8.42 17.78 3.16
CA THR B 160 -8.04 19.13 2.65
C THR B 160 -7.23 19.00 1.36
N LYS B 161 -7.36 19.99 0.48
CA LYS B 161 -6.55 20.22 -0.75
C LYS B 161 -5.07 20.12 -0.37
N SER B 162 -4.67 20.87 0.67
CA SER B 162 -3.30 20.89 1.23
C SER B 162 -2.75 19.46 1.26
N GLY B 163 -3.53 18.53 1.79
CA GLY B 163 -3.14 17.11 1.90
C GLY B 163 -3.28 16.56 3.32
N ASN B 164 -2.66 17.26 4.30
CA ASN B 164 -2.37 16.81 5.71
C ASN B 164 -3.60 16.23 6.46
N THR B 165 -4.74 16.95 6.54
CA THR B 165 -5.89 16.66 7.43
C THR B 165 -6.94 15.85 6.65
N VAL B 166 -7.43 14.80 7.30
CA VAL B 166 -8.50 13.89 6.80
C VAL B 166 -9.59 13.85 7.88
N VAL B 167 -10.80 13.49 7.48
CA VAL B 167 -11.92 13.23 8.41
C VAL B 167 -12.43 11.80 8.19
N CYS B 168 -12.50 11.06 9.28
CA CYS B 168 -13.04 9.70 9.43
C CYS B 168 -14.48 9.84 9.96
N ALA B 169 -15.52 9.60 9.16
CA ALA B 169 -16.89 9.63 9.72
C ALA B 169 -17.08 8.41 10.61
N VAL B 170 -17.80 8.58 11.73
CA VAL B 170 -17.94 7.49 12.76
C VAL B 170 -19.41 7.20 13.07
N GLN B 171 -19.65 5.97 13.53
CA GLN B 171 -20.96 5.46 13.96
C GLN B 171 -21.44 6.33 15.14
N ALA B 172 -22.74 6.64 15.24
CA ALA B 172 -23.40 7.27 16.41
C ALA B 172 -22.71 8.57 16.86
#